data_5GL6
#
_entry.id   5GL6
#
_cell.length_a   55.990
_cell.length_b   75.440
_cell.length_c   109.990
_cell.angle_alpha   90.00
_cell.angle_beta   90.00
_cell.angle_gamma   90.00
#
_symmetry.space_group_name_H-M   'P 21 21 21'
#
loop_
_entity.id
_entity.type
_entity.pdbx_description
1 polymer 'Ribosome maturation factor RimP'
2 water water
#
_entity_poly.entity_id   1
_entity_poly.type   'polypeptide(L)'
_entity_poly.pdbx_seq_one_letter_code
;MAPDPKLPSADLPSQKQVIELLDGEFARAGYEIDDVVVNAATRPARITIVADGDKGLDLDAVAMLSRLASGLLDTVDTGD
TPYVLEVTSPGVDRPLTTEKHFRRARGRKAELSLADGSSLTARLGGTDGDQVNVVVAQGKDFAVRQIPLREITKAVVQVE
FSPPNRRELELAEQTGKGARA
;
_entity_poly.pdbx_strand_id   A,B
#
# COMPACT_ATOMS: atom_id res chain seq x y z
N ASP A 11 17.01 -2.82 -31.71
CA ASP A 11 16.33 -3.54 -30.65
C ASP A 11 14.80 -3.38 -30.78
N LEU A 12 14.13 -3.25 -29.65
CA LEU A 12 12.69 -3.06 -29.58
C LEU A 12 12.36 -1.57 -29.68
N PRO A 13 11.15 -1.24 -30.15
CA PRO A 13 10.77 0.17 -30.19
C PRO A 13 10.59 0.71 -28.77
N SER A 14 10.76 2.01 -28.60
CA SER A 14 10.52 2.60 -27.31
C SER A 14 9.01 2.63 -27.06
N GLN A 15 8.63 2.89 -25.81
CA GLN A 15 7.23 3.08 -25.48
C GLN A 15 6.65 4.16 -26.38
N LYS A 16 7.40 5.25 -26.52
CA LYS A 16 6.99 6.40 -27.33
C LYS A 16 6.80 6.00 -28.81
N GLN A 17 7.64 5.07 -29.28
CA GLN A 17 7.57 4.61 -30.67
C GLN A 17 6.26 3.81 -30.87
N VAL A 18 5.97 2.92 -29.93
CA VAL A 18 4.76 2.11 -30.00
C VAL A 18 3.53 3.02 -29.98
N ILE A 19 3.52 3.99 -29.06
CA ILE A 19 2.43 4.94 -28.98
C ILE A 19 2.23 5.77 -30.25
N GLU A 20 3.31 6.32 -30.82
CA GLU A 20 3.18 7.11 -32.04
C GLU A 20 2.65 6.23 -33.16
N LEU A 21 3.08 4.97 -33.15
CA LEU A 21 2.67 4.00 -34.17
C LEU A 21 1.18 3.65 -34.10
N LEU A 22 0.66 3.51 -32.87
CA LEU A 22 -0.66 2.92 -32.67
C LEU A 22 -1.79 3.89 -32.35
N ASP A 23 -1.46 5.04 -31.78
CA ASP A 23 -2.44 5.94 -31.21
C ASP A 23 -3.53 6.31 -32.22
N GLY A 24 -3.11 6.73 -33.41
CA GLY A 24 -4.02 7.15 -34.45
C GLY A 24 -4.95 6.06 -34.91
N GLU A 25 -4.40 4.88 -35.15
CA GLU A 25 -5.23 3.77 -35.60
C GLU A 25 -6.21 3.36 -34.50
N PHE A 26 -5.72 3.24 -33.27
CA PHE A 26 -6.59 2.93 -32.14
C PHE A 26 -7.73 3.94 -32.02
N ALA A 27 -7.41 5.22 -32.13
CA ALA A 27 -8.41 6.27 -32.06
C ALA A 27 -9.42 6.15 -33.20
N ARG A 28 -8.91 5.82 -34.37
CA ARG A 28 -9.71 5.67 -35.57
C ARG A 28 -10.66 4.48 -35.43
N ALA A 29 -10.27 3.53 -34.59
CA ALA A 29 -11.12 2.38 -34.31
C ALA A 29 -12.07 2.67 -33.14
N GLY A 30 -11.96 3.87 -32.57
CA GLY A 30 -12.85 4.28 -31.49
C GLY A 30 -12.30 3.97 -30.11
N TYR A 31 -10.99 3.71 -30.04
CA TYR A 31 -10.34 3.34 -28.78
C TYR A 31 -9.17 4.23 -28.42
N GLU A 32 -8.97 4.41 -27.12
CA GLU A 32 -7.91 5.25 -26.58
C GLU A 32 -6.78 4.39 -26.04
N ILE A 33 -5.54 4.84 -26.19
CA ILE A 33 -4.42 4.13 -25.60
C ILE A 33 -4.05 4.79 -24.30
N ASP A 34 -4.12 4.03 -23.21
CA ASP A 34 -3.90 4.58 -21.88
C ASP A 34 -2.42 4.53 -21.54
N ASP A 35 -1.77 3.44 -21.93
CA ASP A 35 -0.39 3.21 -21.56
C ASP A 35 0.20 2.11 -22.42
N VAL A 36 1.53 2.07 -22.45
CA VAL A 36 2.26 1.05 -23.19
C VAL A 36 3.49 0.67 -22.37
N VAL A 37 3.74 -0.63 -22.27
CA VAL A 37 4.90 -1.14 -21.57
C VAL A 37 5.68 -2.05 -22.52
N VAL A 38 6.93 -1.68 -22.82
CA VAL A 38 7.83 -2.55 -23.56
C VAL A 38 8.80 -3.22 -22.57
N ASN A 39 8.51 -4.46 -22.21
CA ASN A 39 9.28 -5.20 -21.21
C ASN A 39 10.30 -6.13 -21.86
N ALA A 40 11.58 -5.76 -21.82
CA ALA A 40 12.62 -6.60 -22.44
C ALA A 40 13.36 -7.47 -21.43
N ALA A 41 12.74 -7.74 -20.28
CA ALA A 41 13.37 -8.54 -19.23
C ALA A 41 12.77 -9.94 -19.10
N THR A 42 11.87 -10.30 -20.00
CA THR A 42 11.31 -11.65 -20.00
C THR A 42 11.74 -12.44 -21.23
N ARG A 43 11.55 -13.76 -21.15
CA ARG A 43 11.76 -14.64 -22.30
C ARG A 43 10.43 -15.28 -22.71
N PRO A 44 9.82 -14.78 -23.80
CA PRO A 44 10.33 -13.62 -24.56
C PRO A 44 9.78 -12.30 -24.04
N ALA A 45 10.28 -11.21 -24.60
CA ALA A 45 9.84 -9.86 -24.25
C ALA A 45 8.33 -9.70 -24.46
N ARG A 46 7.72 -8.84 -23.65
CA ARG A 46 6.30 -8.56 -23.78
C ARG A 46 6.06 -7.08 -24.04
N ILE A 47 5.28 -6.80 -25.08
CA ILE A 47 4.81 -5.45 -25.31
C ILE A 47 3.36 -5.44 -24.88
N THR A 48 3.03 -4.58 -23.91
CA THR A 48 1.67 -4.50 -23.39
C THR A 48 1.04 -3.16 -23.75
N ILE A 49 -0.12 -3.24 -24.40
CA ILE A 49 -0.90 -2.05 -24.71
C ILE A 49 -2.11 -2.02 -23.78
N VAL A 50 -2.23 -0.92 -23.03
CA VAL A 50 -3.36 -0.72 -22.15
C VAL A 50 -4.31 0.25 -22.82
N ALA A 51 -5.49 -0.24 -23.19
CA ALA A 51 -6.43 0.56 -23.98
C ALA A 51 -7.81 0.61 -23.32
N ASP A 52 -8.63 1.56 -23.75
CA ASP A 52 -10.00 1.68 -23.25
C ASP A 52 -10.88 2.41 -24.25
N GLY A 53 -12.19 2.22 -24.12
CA GLY A 53 -13.16 2.92 -24.94
C GLY A 53 -14.20 3.46 -23.99
N ASP A 54 -15.12 4.29 -24.47
CA ASP A 54 -16.17 4.80 -23.60
C ASP A 54 -16.92 3.67 -22.92
N LYS A 55 -16.88 2.49 -23.55
CA LYS A 55 -17.64 1.34 -23.11
C LYS A 55 -16.73 0.17 -22.76
N GLY A 56 -15.56 0.46 -22.17
CA GLY A 56 -14.64 -0.60 -21.78
C GLY A 56 -14.08 -1.36 -22.98
N LEU A 57 -13.42 -2.49 -22.69
CA LEU A 57 -12.90 -3.40 -23.72
C LEU A 57 -13.52 -4.79 -23.52
N ASP A 58 -14.42 -5.20 -24.40
CA ASP A 58 -14.89 -6.59 -24.34
C ASP A 58 -13.95 -7.46 -25.15
N LEU A 59 -14.17 -8.78 -25.14
CA LEU A 59 -13.26 -9.71 -25.80
C LEU A 59 -13.15 -9.45 -27.32
N ASP A 60 -14.25 -9.05 -27.94
CA ASP A 60 -14.24 -8.70 -29.35
C ASP A 60 -13.26 -7.54 -29.57
N ALA A 61 -13.31 -6.55 -28.69
CA ALA A 61 -12.47 -5.37 -28.86
C ALA A 61 -11.01 -5.72 -28.59
N VAL A 62 -10.77 -6.53 -27.57
CA VAL A 62 -9.41 -6.94 -27.26
C VAL A 62 -8.80 -7.66 -28.42
N ALA A 63 -9.55 -8.57 -29.03
CA ALA A 63 -9.02 -9.31 -30.17
C ALA A 63 -8.80 -8.41 -31.40
N MET A 64 -9.76 -7.52 -31.66
CA MET A 64 -9.66 -6.62 -32.81
C MET A 64 -8.43 -5.73 -32.69
N LEU A 65 -8.23 -5.16 -31.50
CA LEU A 65 -7.08 -4.29 -31.26
C LEU A 65 -5.79 -5.08 -31.25
N SER A 66 -5.82 -6.34 -30.84
CA SER A 66 -4.61 -7.14 -30.91
C SER A 66 -4.21 -7.36 -32.36
N ARG A 67 -5.21 -7.63 -33.19
CA ARG A 67 -4.96 -7.82 -34.60
C ARG A 67 -4.38 -6.54 -35.22
N LEU A 68 -5.01 -5.42 -34.88
CA LEU A 68 -4.58 -4.11 -35.36
C LEU A 68 -3.15 -3.86 -34.96
N ALA A 69 -2.90 -3.96 -33.66
CA ALA A 69 -1.59 -3.65 -33.09
C ALA A 69 -0.51 -4.55 -33.64
N SER A 70 -0.76 -5.85 -33.68
CA SER A 70 0.24 -6.80 -34.16
C SER A 70 0.54 -6.54 -35.63
N GLY A 71 -0.49 -6.26 -36.42
CA GLY A 71 -0.30 -5.91 -37.81
C GLY A 71 0.60 -4.69 -37.96
N LEU A 72 0.32 -3.65 -37.17
CA LEU A 72 1.13 -2.43 -37.25
C LEU A 72 2.55 -2.64 -36.75
N LEU A 73 2.73 -3.48 -35.73
CA LEU A 73 4.05 -3.71 -35.17
C LEU A 73 4.93 -4.54 -36.12
N ASP A 74 4.29 -5.35 -36.95
CA ASP A 74 5.08 -6.10 -37.93
C ASP A 74 5.70 -5.22 -39.00
N THR A 75 5.15 -4.01 -39.17
CA THR A 75 5.72 -3.01 -40.07
C THR A 75 7.04 -2.44 -39.53
N VAL A 76 7.36 -2.80 -38.29
CA VAL A 76 8.54 -2.26 -37.61
C VAL A 76 9.66 -3.28 -37.56
N ASP A 77 10.90 -2.81 -37.71
CA ASP A 77 12.07 -3.67 -37.59
C ASP A 77 12.32 -4.03 -36.13
N THR A 78 11.98 -5.27 -35.77
CA THR A 78 12.26 -5.73 -34.41
C THR A 78 13.62 -6.42 -34.36
N GLY A 79 14.10 -6.84 -35.52
CA GLY A 79 15.39 -7.50 -35.61
C GLY A 79 15.26 -8.99 -35.33
N ASP A 80 16.15 -9.51 -34.50
CA ASP A 80 16.12 -10.93 -34.16
C ASP A 80 15.46 -11.07 -32.78
N THR A 81 15.09 -9.94 -32.18
CA THR A 81 14.47 -9.95 -30.86
C THR A 81 12.99 -10.37 -30.95
N PRO A 82 12.65 -11.47 -30.24
CA PRO A 82 11.28 -12.02 -30.24
C PRO A 82 10.42 -11.41 -29.15
N TYR A 83 9.19 -11.01 -29.48
CA TYR A 83 8.29 -10.38 -28.51
C TYR A 83 6.90 -10.99 -28.52
N VAL A 84 6.16 -10.79 -27.45
CA VAL A 84 4.76 -11.21 -27.40
C VAL A 84 3.89 -9.97 -27.15
N LEU A 85 2.75 -9.88 -27.83
CA LEU A 85 1.89 -8.73 -27.68
C LEU A 85 0.69 -9.08 -26.84
N GLU A 86 0.27 -8.14 -26.00
CA GLU A 86 -0.96 -8.24 -25.22
C GLU A 86 -1.70 -6.89 -25.19
N VAL A 87 -3.01 -6.91 -25.48
CA VAL A 87 -3.83 -5.72 -25.31
C VAL A 87 -4.79 -5.96 -24.16
N THR A 88 -4.79 -5.09 -23.16
CA THR A 88 -5.63 -5.30 -21.99
C THR A 88 -6.33 -4.01 -21.58
N SER A 89 -7.32 -4.15 -20.71
CA SER A 89 -8.05 -3.00 -20.18
C SER A 89 -7.24 -2.51 -18.98
N PRO A 90 -7.43 -1.24 -18.59
CA PRO A 90 -6.75 -0.77 -17.38
C PRO A 90 -7.36 -1.55 -16.23
N GLY A 91 -6.58 -1.91 -15.22
CA GLY A 91 -7.15 -2.71 -14.14
C GLY A 91 -8.12 -1.90 -13.28
N VAL A 92 -8.63 -2.53 -12.22
CA VAL A 92 -9.32 -1.79 -11.14
C VAL A 92 -8.59 -1.99 -9.81
N ASP A 93 -8.54 -0.93 -9.01
CA ASP A 93 -7.92 -1.01 -7.68
C ASP A 93 -8.90 -0.43 -6.63
N ARG A 94 -8.57 -0.59 -5.35
CA ARG A 94 -9.44 -0.22 -4.22
C ARG A 94 -10.06 1.22 -4.25
N PRO A 95 -11.32 1.31 -3.81
CA PRO A 95 -11.90 2.59 -3.42
C PRO A 95 -11.36 2.96 -2.05
N LEU A 96 -11.34 4.23 -1.70
CA LEU A 96 -10.85 4.63 -0.39
C LEU A 96 -11.97 5.29 0.41
N THR A 97 -12.10 4.91 1.69
CA THR A 97 -13.14 5.47 2.53
C THR A 97 -12.58 6.29 3.67
N THR A 98 -11.73 5.69 4.49
CA THR A 98 -11.26 6.41 5.69
C THR A 98 -9.93 7.16 5.54
N GLU A 99 -9.64 8.02 6.52
CA GLU A 99 -8.36 8.69 6.60
C GLU A 99 -7.22 7.68 6.59
N LYS A 100 -7.43 6.54 7.24
CA LYS A 100 -6.42 5.50 7.24
C LYS A 100 -6.18 5.00 5.83
N HIS A 101 -7.25 4.90 5.05
CA HIS A 101 -7.13 4.39 3.68
C HIS A 101 -6.28 5.32 2.86
N PHE A 102 -6.60 6.61 2.91
CA PHE A 102 -5.83 7.64 2.22
C PHE A 102 -4.35 7.59 2.64
N ARG A 103 -4.09 7.48 3.95
CA ARG A 103 -2.72 7.42 4.45
C ARG A 103 -2.01 6.26 3.76
N ARG A 104 -2.66 5.10 3.75
CA ARG A 104 -2.05 3.91 3.17
C ARG A 104 -1.83 4.05 1.66
N ALA A 105 -2.65 4.88 1.01
CA ALA A 105 -2.58 5.04 -0.44
C ALA A 105 -1.68 6.19 -0.88
N ARG A 106 -0.90 6.73 0.05
CA ARG A 106 0.03 7.78 -0.34
C ARG A 106 0.97 7.33 -1.46
N GLY A 107 1.11 8.13 -2.51
CA GLY A 107 1.97 7.79 -3.62
C GLY A 107 1.23 7.14 -4.79
N ARG A 108 0.02 6.65 -4.49
CA ARG A 108 -0.81 6.05 -5.51
C ARG A 108 -1.53 7.10 -6.35
N LYS A 109 -1.78 6.77 -7.60
CA LYS A 109 -2.54 7.66 -8.47
C LYS A 109 -4.02 7.43 -8.17
N ALA A 110 -4.81 8.50 -8.14
CA ALA A 110 -6.22 8.32 -7.77
C ALA A 110 -7.13 9.18 -8.60
N GLU A 111 -8.34 8.69 -8.78
CA GLU A 111 -9.38 9.47 -9.41
C GLU A 111 -10.28 9.91 -8.26
N LEU A 112 -10.43 11.22 -8.11
CA LEU A 112 -11.19 11.81 -7.00
C LEU A 112 -12.42 12.49 -7.56
N SER A 113 -13.58 12.20 -6.98
CA SER A 113 -14.79 12.94 -7.30
C SER A 113 -14.94 13.96 -6.18
N LEU A 114 -15.18 15.21 -6.54
CA LEU A 114 -15.35 16.27 -5.57
C LEU A 114 -16.81 16.63 -5.35
N ALA A 115 -17.08 17.20 -4.17
CA ALA A 115 -18.44 17.48 -3.73
C ALA A 115 -19.16 18.47 -4.64
N ASP A 116 -18.38 19.32 -5.31
CA ASP A 116 -19.00 20.31 -6.22
C ASP A 116 -19.29 19.71 -7.59
N GLY A 117 -19.00 18.42 -7.77
CA GLY A 117 -19.33 17.75 -9.01
C GLY A 117 -18.16 17.65 -9.98
N SER A 118 -17.10 18.42 -9.73
CA SER A 118 -15.89 18.32 -10.53
C SER A 118 -15.16 17.02 -10.16
N SER A 119 -14.14 16.67 -10.93
CA SER A 119 -13.32 15.52 -10.62
C SER A 119 -11.85 15.87 -10.85
N LEU A 120 -10.95 14.96 -10.50
CA LEU A 120 -9.54 15.26 -10.52
C LEU A 120 -8.73 13.97 -10.46
N THR A 121 -7.79 13.83 -11.40
CA THR A 121 -6.82 12.75 -11.33
C THR A 121 -5.53 13.39 -10.86
N ALA A 122 -4.94 12.80 -9.84
CA ALA A 122 -3.79 13.38 -9.16
C ALA A 122 -3.12 12.21 -8.46
N ARG A 123 -1.89 12.40 -7.98
CA ARG A 123 -1.20 11.35 -7.22
C ARG A 123 -1.35 11.73 -5.76
N LEU A 124 -1.77 10.80 -4.92
CA LEU A 124 -2.03 11.13 -3.52
C LEU A 124 -0.77 11.38 -2.69
N GLY A 125 -0.81 12.46 -1.91
CA GLY A 125 0.25 12.72 -0.97
C GLY A 125 -0.16 12.15 0.38
N GLY A 126 0.40 12.68 1.45
CA GLY A 126 -0.05 12.28 2.78
C GLY A 126 -1.29 13.04 3.21
N THR A 127 -1.86 12.63 4.33
CA THR A 127 -2.91 13.44 4.93
C THR A 127 -2.28 14.50 5.84
N ASP A 128 -2.99 15.60 6.03
CA ASP A 128 -2.53 16.69 6.89
C ASP A 128 -3.76 17.26 7.56
N GLY A 129 -3.90 16.98 8.85
CA GLY A 129 -5.12 17.31 9.57
C GLY A 129 -6.31 16.65 8.91
N ASP A 130 -7.27 17.45 8.47
CA ASP A 130 -8.43 16.95 7.74
C ASP A 130 -8.27 17.19 6.24
N GLN A 131 -7.02 17.31 5.79
CA GLN A 131 -6.76 17.53 4.38
C GLN A 131 -6.02 16.34 3.83
N VAL A 132 -6.12 16.17 2.52
CA VAL A 132 -5.24 15.25 1.81
C VAL A 132 -4.44 16.05 0.80
N ASN A 133 -3.13 15.81 0.79
CA ASN A 133 -2.24 16.40 -0.21
C ASN A 133 -2.42 15.70 -1.54
N VAL A 134 -2.49 16.45 -2.63
CA VAL A 134 -2.47 15.78 -3.93
C VAL A 134 -1.39 16.41 -4.78
N VAL A 135 -0.80 15.62 -5.67
CA VAL A 135 0.21 16.13 -6.58
C VAL A 135 -0.31 16.06 -8.02
N VAL A 136 -0.25 17.18 -8.71
CA VAL A 136 -0.79 17.27 -10.05
C VAL A 136 0.26 17.85 -10.99
N ALA A 137 0.36 17.25 -12.17
CA ALA A 137 1.26 17.76 -13.20
C ALA A 137 0.72 19.09 -13.71
N GLN A 138 1.64 20.02 -13.93
CA GLN A 138 1.30 21.35 -14.39
C GLN A 138 2.44 21.80 -15.28
N GLY A 139 2.25 21.68 -16.59
CA GLY A 139 3.34 21.92 -17.52
C GLY A 139 4.44 20.90 -17.27
N LYS A 140 5.68 21.38 -17.25
CA LYS A 140 6.83 20.53 -16.97
C LYS A 140 7.04 20.39 -15.46
N ASP A 141 6.21 21.08 -14.69
CA ASP A 141 6.36 21.19 -13.23
C ASP A 141 5.18 20.54 -12.52
N PHE A 142 5.02 20.83 -11.23
CA PHE A 142 3.97 20.19 -10.41
C PHE A 142 3.35 21.12 -9.42
N ALA A 143 2.06 20.92 -9.16
CA ALA A 143 1.41 21.62 -8.06
C ALA A 143 1.09 20.64 -6.93
N VAL A 144 1.26 21.08 -5.70
CA VAL A 144 0.87 20.30 -4.55
C VAL A 144 -0.30 21.01 -3.92
N ARG A 145 -1.44 20.33 -3.86
CA ARG A 145 -2.66 20.97 -3.41
C ARG A 145 -3.21 20.21 -2.21
N GLN A 146 -3.82 20.93 -1.27
CA GLN A 146 -4.57 20.28 -0.21
C GLN A 146 -6.07 20.33 -0.47
N ILE A 147 -6.69 19.18 -0.43
CA ILE A 147 -8.13 19.02 -0.57
C ILE A 147 -8.69 18.46 0.73
N PRO A 148 -9.70 19.13 1.31
CA PRO A 148 -10.31 18.63 2.53
C PRO A 148 -11.03 17.30 2.27
N LEU A 149 -10.82 16.30 3.15
CA LEU A 149 -11.53 15.03 3.04
C LEU A 149 -13.03 15.23 2.83
N ARG A 150 -13.62 16.21 3.53
CA ARG A 150 -15.06 16.42 3.41
C ARG A 150 -15.50 16.90 2.01
N GLU A 151 -14.55 17.18 1.12
CA GLU A 151 -14.88 17.58 -0.26
C GLU A 151 -14.71 16.45 -1.27
N ILE A 152 -14.23 15.30 -0.81
CA ILE A 152 -14.03 14.14 -1.69
C ILE A 152 -15.16 13.12 -1.49
N THR A 153 -16.00 12.93 -2.49
CA THR A 153 -17.15 12.04 -2.33
C THR A 153 -16.88 10.67 -2.95
N LYS A 154 -15.75 10.56 -3.65
CA LYS A 154 -15.33 9.30 -4.22
C LYS A 154 -13.84 9.33 -4.54
N ALA A 155 -13.13 8.26 -4.19
CA ALA A 155 -11.69 8.21 -4.40
C ALA A 155 -11.31 6.80 -4.78
N VAL A 156 -10.81 6.64 -6.00
CA VAL A 156 -10.49 5.33 -6.51
C VAL A 156 -9.02 5.29 -6.93
N VAL A 157 -8.26 4.38 -6.33
CA VAL A 157 -6.87 4.20 -6.71
C VAL A 157 -6.80 3.58 -8.13
N GLN A 158 -5.88 4.06 -8.96
CA GLN A 158 -5.73 3.49 -10.29
C GLN A 158 -4.59 2.48 -10.34
N VAL A 159 -4.73 1.44 -11.16
CA VAL A 159 -3.61 0.54 -11.42
C VAL A 159 -2.64 1.25 -12.35
N GLU A 160 -1.34 1.15 -12.07
CA GLU A 160 -0.33 1.77 -12.95
C GLU A 160 0.56 0.70 -13.61
N PHE A 161 0.82 0.86 -14.90
CA PHE A 161 1.61 -0.13 -15.61
C PHE A 161 3.04 0.40 -15.78
N SER A 162 3.16 1.58 -16.38
CA SER A 162 4.45 2.26 -16.42
C SER A 162 4.70 2.82 -15.04
N PRO A 163 5.97 2.85 -14.61
CA PRO A 163 6.32 3.42 -13.31
C PRO A 163 5.94 4.90 -13.22
N PRO A 164 5.62 5.37 -12.02
CA PRO A 164 5.29 6.79 -11.80
C PRO A 164 6.44 7.71 -12.15
N ASN A 165 6.08 8.89 -12.68
CA ASN A 165 7.01 9.97 -12.89
C ASN A 165 7.80 10.22 -11.60
N ARG A 166 9.12 10.26 -11.70
CA ARG A 166 9.99 10.26 -10.52
C ARG A 166 9.82 11.50 -9.62
N ARG A 167 9.71 12.66 -10.25
CA ARG A 167 9.57 13.89 -9.50
C ARG A 167 8.20 13.91 -8.79
N GLU A 168 7.18 13.47 -9.52
CA GLU A 168 5.82 13.40 -8.99
C GLU A 168 5.75 12.47 -7.76
N LEU A 169 6.37 11.30 -7.89
CA LEU A 169 6.33 10.34 -6.79
C LEU A 169 7.11 10.89 -5.60
N GLU A 170 8.26 11.53 -5.87
CA GLU A 170 9.04 12.17 -4.80
C GLU A 170 8.18 13.12 -3.96
N LEU A 171 7.43 14.00 -4.63
CA LEU A 171 6.57 14.94 -3.90
C LEU A 171 5.45 14.24 -3.17
N ALA A 172 4.80 13.30 -3.84
CA ALA A 172 3.65 12.64 -3.22
C ALA A 172 4.09 11.85 -1.99
N GLU A 173 5.28 11.28 -2.01
CA GLU A 173 5.73 10.39 -0.91
C GLU A 173 6.37 11.11 0.29
N GLN A 174 6.73 12.37 0.13
CA GLN A 174 7.39 13.10 1.21
C GLN A 174 6.55 14.30 1.60
N THR A 175 5.25 14.16 1.43
CA THR A 175 4.34 15.18 1.89
C THR A 175 3.34 14.56 2.87
N GLY A 176 3.03 15.29 3.94
CA GLY A 176 2.02 14.88 4.92
C GLY A 176 2.33 13.58 5.64
N LYS A 177 1.30 12.84 6.05
CA LYS A 177 1.51 11.57 6.75
C LYS A 177 0.85 10.42 5.97
N GLY A 178 1.42 9.22 6.07
CA GLY A 178 0.88 8.06 5.40
C GLY A 178 1.29 6.70 5.96
N ALA A 179 0.72 6.36 7.12
CA ALA A 179 0.96 5.07 7.80
C ALA A 179 2.38 4.96 8.36
N ASP B 11 21.02 -12.07 -1.11
CA ASP B 11 20.38 -12.93 -0.12
C ASP B 11 18.90 -12.59 0.05
N LEU B 12 18.44 -12.59 1.30
CA LEU B 12 17.03 -12.33 1.58
C LEU B 12 16.69 -10.84 1.64
N PRO B 13 15.44 -10.50 1.27
CA PRO B 13 14.95 -9.12 1.30
C PRO B 13 14.74 -8.66 2.72
N SER B 14 14.89 -7.36 2.95
CA SER B 14 14.64 -6.81 4.27
C SER B 14 13.13 -6.77 4.50
N GLN B 15 12.75 -6.59 5.76
CA GLN B 15 11.37 -6.46 6.12
C GLN B 15 10.73 -5.35 5.27
N LYS B 16 11.46 -4.25 5.12
CA LYS B 16 11.02 -3.09 4.33
C LYS B 16 10.82 -3.42 2.85
N GLN B 17 11.67 -4.29 2.31
CA GLN B 17 11.57 -4.66 0.92
C GLN B 17 10.31 -5.52 0.72
N VAL B 18 10.10 -6.47 1.62
CA VAL B 18 8.93 -7.33 1.55
C VAL B 18 7.65 -6.50 1.65
N ILE B 19 7.63 -5.57 2.59
CA ILE B 19 6.50 -4.68 2.75
C ILE B 19 6.23 -3.88 1.47
N GLU B 20 7.27 -3.29 0.89
CA GLU B 20 7.08 -2.53 -0.35
C GLU B 20 6.61 -3.42 -1.50
N LEU B 21 7.09 -4.65 -1.51
CA LEU B 21 6.72 -5.62 -2.53
C LEU B 21 5.26 -6.01 -2.46
N LEU B 22 4.75 -6.20 -1.25
CA LEU B 22 3.44 -6.84 -1.03
C LEU B 22 2.29 -5.90 -0.69
N ASP B 23 2.60 -4.73 -0.13
CA ASP B 23 1.57 -3.88 0.46
C ASP B 23 0.49 -3.45 -0.53
N GLY B 24 0.90 -2.96 -1.69
CA GLY B 24 -0.05 -2.48 -2.68
C GLY B 24 -1.01 -3.57 -3.14
N GLU B 25 -0.45 -4.76 -3.38
CA GLU B 25 -1.24 -5.90 -3.81
C GLU B 25 -2.18 -6.40 -2.72
N PHE B 26 -1.69 -6.50 -1.49
CA PHE B 26 -2.55 -6.87 -0.39
C PHE B 26 -3.70 -5.88 -0.29
N ALA B 27 -3.38 -4.59 -0.40
CA ALA B 27 -4.37 -3.54 -0.31
C ALA B 27 -5.42 -3.72 -1.40
N ARG B 28 -4.99 -4.09 -2.61
CA ARG B 28 -5.97 -4.31 -3.65
C ARG B 28 -6.79 -5.57 -3.36
N ALA B 29 -6.22 -6.52 -2.64
CA ALA B 29 -6.98 -7.72 -2.31
C ALA B 29 -7.88 -7.50 -1.10
N GLY B 30 -7.83 -6.32 -0.50
CA GLY B 30 -8.69 -5.97 0.63
C GLY B 30 -8.10 -6.26 2.00
N TYR B 31 -6.79 -6.47 2.06
CA TYR B 31 -6.14 -6.79 3.34
C TYR B 31 -4.98 -5.85 3.68
N GLU B 32 -4.81 -5.60 4.97
CA GLU B 32 -3.72 -4.74 5.44
C GLU B 32 -2.56 -5.63 5.87
N ILE B 33 -1.34 -5.13 5.73
CA ILE B 33 -0.19 -5.83 6.31
C ILE B 33 0.19 -5.15 7.63
N ASP B 34 0.13 -5.91 8.73
CA ASP B 34 0.38 -5.36 10.05
C ASP B 34 1.85 -5.43 10.41
N ASP B 35 2.52 -6.48 9.93
CA ASP B 35 3.90 -6.72 10.29
C ASP B 35 4.50 -7.75 9.34
N VAL B 36 5.82 -7.76 9.24
CA VAL B 36 6.54 -8.72 8.42
C VAL B 36 7.77 -9.07 9.23
N VAL B 37 8.05 -10.37 9.33
CA VAL B 37 9.22 -10.82 10.04
C VAL B 37 9.98 -11.64 9.01
N VAL B 38 11.18 -11.18 8.67
CA VAL B 38 12.05 -11.98 7.82
C VAL B 38 13.07 -12.60 8.75
N ASN B 39 12.86 -13.86 9.11
CA ASN B 39 13.76 -14.51 10.07
C ASN B 39 14.80 -15.32 9.32
N ALA B 40 15.98 -14.73 9.15
CA ALA B 40 17.06 -15.37 8.42
C ALA B 40 18.01 -16.01 9.40
N ALA B 41 17.49 -16.30 10.59
CA ALA B 41 18.27 -16.95 11.65
C ALA B 41 17.83 -18.40 11.80
N THR B 42 16.93 -18.85 10.93
CA THR B 42 16.59 -20.26 10.87
C THR B 42 17.02 -20.86 9.54
N ARG B 43 17.13 -22.19 9.50
CA ARG B 43 17.35 -22.95 8.26
C ARG B 43 16.14 -23.88 8.06
N PRO B 44 15.29 -23.57 7.08
CA PRO B 44 15.47 -22.39 6.22
C PRO B 44 14.90 -21.13 6.85
N ALA B 45 15.19 -20.00 6.22
CA ALA B 45 14.68 -18.72 6.67
C ALA B 45 13.16 -18.78 6.67
N ARG B 46 12.54 -18.08 7.60
CA ARG B 46 11.09 -18.05 7.59
C ARG B 46 10.62 -16.62 7.43
N ILE B 47 9.79 -16.39 6.41
CA ILE B 47 9.18 -15.11 6.22
C ILE B 47 7.73 -15.18 6.64
N THR B 48 7.35 -14.36 7.60
CA THR B 48 5.99 -14.35 8.13
C THR B 48 5.31 -13.02 7.80
N ILE B 49 4.16 -13.07 7.15
CA ILE B 49 3.37 -11.88 6.87
C ILE B 49 2.17 -11.85 7.83
N VAL B 50 2.04 -10.79 8.62
CA VAL B 50 0.91 -10.69 9.52
C VAL B 50 -0.07 -9.75 8.86
N ALA B 51 -1.23 -10.29 8.49
CA ALA B 51 -2.22 -9.52 7.73
C ALA B 51 -3.56 -9.55 8.44
N ASP B 52 -4.40 -8.59 8.11
CA ASP B 52 -5.72 -8.49 8.70
C ASP B 52 -6.65 -7.79 7.72
N GLY B 53 -7.96 -8.00 7.89
CA GLY B 53 -8.94 -7.34 7.08
C GLY B 53 -10.04 -6.80 7.95
N ASP B 54 -10.93 -6.01 7.37
CA ASP B 54 -12.07 -5.45 8.11
C ASP B 54 -12.90 -6.54 8.77
N LYS B 55 -12.84 -7.76 8.22
CA LYS B 55 -13.58 -8.89 8.75
C LYS B 55 -12.62 -10.06 9.03
N GLY B 56 -11.42 -9.75 9.52
CA GLY B 56 -10.44 -10.76 9.88
C GLY B 56 -9.93 -11.54 8.68
N LEU B 57 -9.20 -12.62 8.97
CA LEU B 57 -8.69 -13.56 7.96
C LEU B 57 -9.22 -14.94 8.19
N ASP B 58 -10.12 -15.41 7.33
CA ASP B 58 -10.50 -16.82 7.37
C ASP B 58 -9.52 -17.64 6.54
N LEU B 59 -9.70 -18.95 6.53
CA LEU B 59 -8.75 -19.84 5.85
C LEU B 59 -8.65 -19.54 4.36
N ASP B 60 -9.76 -19.11 3.78
CA ASP B 60 -9.79 -18.79 2.36
C ASP B 60 -8.81 -17.66 2.13
N ALA B 61 -8.86 -16.65 2.98
CA ALA B 61 -8.03 -15.46 2.81
C ALA B 61 -6.56 -15.78 3.09
N VAL B 62 -6.31 -16.59 4.11
CA VAL B 62 -4.95 -17.02 4.40
C VAL B 62 -4.33 -17.73 3.20
N ALA B 63 -5.12 -18.60 2.54
CA ALA B 63 -4.62 -19.30 1.37
C ALA B 63 -4.39 -18.35 0.18
N MET B 64 -5.34 -17.45 -0.03
CA MET B 64 -5.25 -16.52 -1.15
C MET B 64 -4.03 -15.60 -1.03
N LEU B 65 -3.82 -15.07 0.17
CA LEU B 65 -2.72 -14.15 0.38
C LEU B 65 -1.43 -14.90 0.36
N SER B 66 -1.45 -16.16 0.77
CA SER B 66 -0.24 -16.94 0.68
C SER B 66 0.13 -17.13 -0.78
N ARG B 67 -0.89 -17.34 -1.62
CA ARG B 67 -0.63 -17.55 -3.05
C ARG B 67 -0.02 -16.29 -3.65
N LEU B 68 -0.66 -15.15 -3.34
CA LEU B 68 -0.27 -13.82 -3.81
C LEU B 68 1.16 -13.48 -3.42
N ALA B 69 1.42 -13.56 -2.11
CA ALA B 69 2.71 -13.25 -1.53
C ALA B 69 3.80 -14.13 -2.08
N SER B 70 3.55 -15.44 -2.17
CA SER B 70 4.57 -16.35 -2.67
C SER B 70 4.91 -16.08 -4.15
N GLY B 71 3.89 -15.75 -4.95
CA GLY B 71 4.17 -15.37 -6.33
C GLY B 71 5.04 -14.12 -6.43
N LEU B 72 4.65 -13.12 -5.65
CA LEU B 72 5.38 -11.85 -5.69
C LEU B 72 6.81 -12.05 -5.19
N LEU B 73 6.99 -12.89 -4.18
CA LEU B 73 8.32 -13.10 -3.61
C LEU B 73 9.15 -13.86 -4.63
N ASP B 74 8.49 -14.67 -5.44
CA ASP B 74 9.19 -15.34 -6.50
C ASP B 74 9.72 -14.37 -7.54
N THR B 75 9.10 -13.19 -7.66
CA THR B 75 9.71 -12.22 -8.60
C THR B 75 11.06 -11.62 -8.10
N VAL B 76 11.44 -11.91 -6.86
CA VAL B 76 12.63 -11.29 -6.26
C VAL B 76 13.80 -12.25 -6.22
N ASP B 77 15.00 -11.75 -6.49
CA ASP B 77 16.21 -12.54 -6.38
C ASP B 77 16.57 -12.72 -4.91
N THR B 78 16.23 -13.88 -4.38
CA THR B 78 16.61 -14.26 -3.03
C THR B 78 17.87 -15.11 -3.18
N GLY B 79 18.07 -15.57 -4.41
CA GLY B 79 19.25 -16.34 -4.75
C GLY B 79 19.08 -17.81 -4.47
N ASP B 80 20.07 -18.38 -3.79
CA ASP B 80 20.09 -19.79 -3.46
C ASP B 80 19.60 -19.96 -2.03
N THR B 81 19.33 -18.84 -1.36
CA THR B 81 18.90 -18.88 0.03
C THR B 81 17.45 -19.36 0.09
N PRO B 82 17.21 -20.49 0.79
CA PRO B 82 15.88 -21.10 0.90
C PRO B 82 15.05 -20.49 2.01
N TYR B 83 13.80 -20.19 1.73
CA TYR B 83 12.90 -19.63 2.71
C TYR B 83 11.56 -20.34 2.66
N VAL B 84 10.81 -20.20 3.74
CA VAL B 84 9.45 -20.71 3.84
C VAL B 84 8.57 -19.53 4.16
N LEU B 85 7.39 -19.49 3.57
CA LEU B 85 6.50 -18.38 3.78
C LEU B 85 5.34 -18.76 4.68
N GLU B 86 4.93 -17.83 5.54
CA GLU B 86 3.72 -18.02 6.31
C GLU B 86 2.90 -16.73 6.39
N VAL B 87 1.60 -16.82 6.14
CA VAL B 87 0.74 -15.68 6.34
C VAL B 87 -0.19 -15.97 7.51
N THR B 88 -0.24 -15.09 8.49
CA THR B 88 -1.06 -15.35 9.66
C THR B 88 -1.82 -14.11 10.03
N SER B 89 -2.83 -14.24 10.89
CA SER B 89 -3.60 -13.10 11.37
C SER B 89 -2.91 -12.54 12.60
N PRO B 90 -3.20 -11.28 12.96
CA PRO B 90 -2.59 -10.76 14.18
C PRO B 90 -3.19 -11.54 15.35
N GLY B 91 -2.41 -11.85 16.37
CA GLY B 91 -2.94 -12.65 17.45
C GLY B 91 -3.95 -11.86 18.28
N VAL B 92 -4.47 -12.48 19.33
CA VAL B 92 -5.20 -11.72 20.33
C VAL B 92 -4.49 -11.84 21.67
N ASP B 93 -4.45 -10.75 22.42
CA ASP B 93 -3.89 -10.80 23.77
C ASP B 93 -4.88 -10.14 24.74
N ARG B 94 -4.63 -10.27 26.03
CA ARG B 94 -5.56 -9.88 27.08
C ARG B 94 -6.14 -8.45 26.98
N PRO B 95 -7.41 -8.30 27.38
CA PRO B 95 -7.95 -6.97 27.68
C PRO B 95 -7.44 -6.55 29.07
N LEU B 96 -7.41 -5.26 29.36
CA LEU B 96 -6.95 -4.85 30.68
C LEU B 96 -8.08 -4.21 31.48
N THR B 97 -8.25 -4.60 32.74
CA THR B 97 -9.31 -4.01 33.56
C THR B 97 -8.81 -3.17 34.74
N THR B 98 -8.05 -3.78 35.65
CA THR B 98 -7.67 -3.08 36.87
C THR B 98 -6.38 -2.29 36.67
N GLU B 99 -6.13 -1.38 37.60
CA GLU B 99 -4.92 -0.58 37.59
C GLU B 99 -3.70 -1.49 37.64
N LYS B 100 -3.83 -2.58 38.38
CA LYS B 100 -2.79 -3.60 38.49
C LYS B 100 -2.46 -4.22 37.12
N HIS B 101 -3.50 -4.36 36.28
CA HIS B 101 -3.33 -4.95 34.96
C HIS B 101 -2.49 -4.03 34.10
N PHE B 102 -2.83 -2.75 34.14
CA PHE B 102 -2.05 -1.77 33.42
C PHE B 102 -0.61 -1.81 33.88
N ARG B 103 -0.40 -1.86 35.19
CA ARG B 103 0.96 -1.92 35.71
C ARG B 103 1.70 -3.11 35.12
N ARG B 104 1.05 -4.28 35.11
CA ARG B 104 1.73 -5.46 34.61
C ARG B 104 1.95 -5.41 33.10
N ALA B 105 1.18 -4.59 32.40
CA ALA B 105 1.29 -4.53 30.96
C ALA B 105 2.24 -3.41 30.55
N ARG B 106 2.97 -2.87 31.52
CA ARG B 106 3.95 -1.86 31.14
C ARG B 106 4.92 -2.35 30.07
N GLY B 107 5.05 -1.59 28.97
CA GLY B 107 5.99 -1.96 27.95
C GLY B 107 5.34 -2.78 26.86
N ARG B 108 4.16 -3.33 27.15
CA ARG B 108 3.35 -3.98 26.11
C ARG B 108 2.67 -2.91 25.24
N LYS B 109 2.37 -3.22 23.97
CA LYS B 109 1.63 -2.34 23.06
C LYS B 109 0.11 -2.53 23.23
N ALA B 110 -0.69 -1.46 23.18
CA ALA B 110 -2.14 -1.58 23.45
C ALA B 110 -3.01 -0.66 22.59
N GLU B 111 -4.25 -1.10 22.35
CA GLU B 111 -5.26 -0.25 21.69
C GLU B 111 -6.23 0.23 22.78
N LEU B 112 -6.41 1.55 22.87
CA LEU B 112 -7.22 2.13 23.94
C LEU B 112 -8.45 2.83 23.37
N SER B 113 -9.63 2.55 23.93
CA SER B 113 -10.81 3.32 23.60
C SER B 113 -10.99 4.36 24.69
N LEU B 114 -11.24 5.61 24.28
CA LEU B 114 -11.45 6.65 25.27
C LEU B 114 -12.92 7.03 25.42
N ALA B 115 -13.23 7.61 26.57
CA ALA B 115 -14.61 7.94 26.92
C ALA B 115 -15.22 8.94 25.96
N ASP B 116 -14.39 9.76 25.31
CA ASP B 116 -14.93 10.77 24.40
C ASP B 116 -15.23 10.20 23.02
N GLY B 117 -15.05 8.90 22.86
CA GLY B 117 -15.36 8.24 21.61
C GLY B 117 -14.14 8.05 20.72
N SER B 118 -13.06 8.78 21.02
CA SER B 118 -11.80 8.63 20.29
C SER B 118 -11.07 7.34 20.67
N SER B 119 -10.02 7.00 19.93
CA SER B 119 -9.23 5.81 20.26
C SER B 119 -7.75 6.07 20.05
N LEU B 120 -6.90 5.13 20.47
CA LEU B 120 -5.47 5.37 20.50
C LEU B 120 -4.63 4.08 20.65
N THR B 121 -3.63 3.94 19.80
CA THR B 121 -2.67 2.84 19.92
C THR B 121 -1.34 3.40 20.44
N ALA B 122 -0.73 2.74 21.45
CA ALA B 122 0.43 3.33 22.07
C ALA B 122 1.10 2.21 22.88
N ARG B 123 2.31 2.47 23.38
CA ARG B 123 3.01 1.47 24.20
C ARG B 123 2.77 1.93 25.63
N LEU B 124 2.22 1.07 26.46
CA LEU B 124 1.88 1.47 27.80
C LEU B 124 3.18 1.66 28.54
N GLY B 125 3.25 2.74 29.32
CA GLY B 125 4.33 2.99 30.22
C GLY B 125 3.80 2.57 31.58
N GLY B 126 4.36 3.07 32.66
CA GLY B 126 3.80 2.75 33.97
C GLY B 126 2.57 3.56 34.35
N THR B 127 1.92 3.19 35.44
CA THR B 127 0.87 4.02 36.00
C THR B 127 1.43 5.10 36.94
N ASP B 128 0.70 6.19 37.06
CA ASP B 128 1.11 7.32 37.89
C ASP B 128 -0.14 7.92 38.52
N GLY B 129 -0.31 7.69 39.81
CA GLY B 129 -1.54 8.05 40.50
C GLY B 129 -2.70 7.37 39.80
N ASP B 130 -3.65 8.17 39.32
CA ASP B 130 -4.80 7.64 38.59
C ASP B 130 -4.64 7.84 37.08
N GLN B 131 -3.40 7.99 36.63
CA GLN B 131 -3.12 8.16 35.22
C GLN B 131 -2.30 6.97 34.74
N VAL B 132 -2.34 6.71 33.45
CA VAL B 132 -1.39 5.79 32.85
C VAL B 132 -0.55 6.52 31.80
N ASN B 133 0.76 6.31 31.85
CA ASN B 133 1.66 6.85 30.83
C ASN B 133 1.56 6.07 29.56
N VAL B 134 1.48 6.75 28.43
CA VAL B 134 1.55 6.02 27.16
C VAL B 134 2.61 6.67 26.28
N VAL B 135 3.22 5.86 25.42
CA VAL B 135 4.25 6.38 24.54
C VAL B 135 3.80 6.29 23.10
N VAL B 136 3.92 7.40 22.39
CA VAL B 136 3.38 7.48 21.04
C VAL B 136 4.49 7.98 20.10
N ALA B 137 4.62 7.36 18.93
CA ALA B 137 5.54 7.86 17.90
C ALA B 137 5.01 9.17 17.36
N GLN B 138 5.94 10.08 17.10
CA GLN B 138 5.64 11.41 16.62
C GLN B 138 6.84 11.83 15.79
N GLY B 139 6.72 11.66 14.46
CA GLY B 139 7.85 11.81 13.56
C GLY B 139 8.97 10.80 13.90
N LYS B 140 10.22 11.27 13.93
CA LYS B 140 11.37 10.45 14.29
C LYS B 140 11.50 10.34 15.81
N ASP B 141 10.61 11.02 16.53
CA ASP B 141 10.71 11.17 17.97
C ASP B 141 9.55 10.47 18.68
N PHE B 142 9.34 10.79 19.96
CA PHE B 142 8.27 10.13 20.72
C PHE B 142 7.63 11.11 21.66
N ALA B 143 6.32 10.97 21.85
CA ALA B 143 5.64 11.74 22.85
C ALA B 143 5.21 10.82 23.98
N VAL B 144 5.34 11.29 25.21
CA VAL B 144 4.88 10.59 26.39
C VAL B 144 3.70 11.38 26.92
N ARG B 145 2.55 10.72 27.01
CA ARG B 145 1.30 11.37 27.40
C ARG B 145 0.78 10.64 28.60
N GLN B 146 0.17 11.36 29.53
CA GLN B 146 -0.56 10.72 30.61
C GLN B 146 -2.06 10.79 30.35
N ILE B 147 -2.72 9.64 30.42
CA ILE B 147 -4.15 9.53 30.22
C ILE B 147 -4.81 9.01 31.50
N PRO B 148 -5.82 9.75 32.02
CA PRO B 148 -6.48 9.30 33.25
C PRO B 148 -7.17 7.97 33.01
N LEU B 149 -6.98 7.03 33.94
CA LEU B 149 -7.67 5.75 33.88
C LEU B 149 -9.17 5.89 33.62
N ARG B 150 -9.80 6.91 34.23
CA ARG B 150 -11.24 7.10 34.11
C ARG B 150 -11.68 7.49 32.71
N GLU B 151 -10.72 7.76 31.83
CA GLU B 151 -11.04 8.08 30.43
C GLU B 151 -10.85 6.88 29.54
N ILE B 152 -10.34 5.78 30.09
CA ILE B 152 -10.11 4.60 29.27
C ILE B 152 -11.23 3.55 29.46
N THR B 153 -12.05 3.38 28.43
CA THR B 153 -13.22 2.48 28.55
C THR B 153 -12.96 1.11 27.93
N LYS B 154 -11.80 0.97 27.31
CA LYS B 154 -11.37 -0.32 26.80
C LYS B 154 -9.88 -0.27 26.54
N ALA B 155 -9.18 -1.33 26.90
CA ALA B 155 -7.75 -1.40 26.72
C ALA B 155 -7.36 -2.83 26.38
N VAL B 156 -6.85 -3.02 25.18
CA VAL B 156 -6.49 -4.37 24.73
C VAL B 156 -5.01 -4.46 24.35
N VAL B 157 -4.29 -5.35 24.99
CA VAL B 157 -2.88 -5.57 24.70
C VAL B 157 -2.67 -6.32 23.37
N GLN B 158 -1.74 -5.87 22.53
CA GLN B 158 -1.58 -6.46 21.20
C GLN B 158 -0.42 -7.44 21.19
N VAL B 159 -0.54 -8.47 20.38
CA VAL B 159 0.59 -9.36 20.16
C VAL B 159 1.55 -8.68 19.22
N GLU B 160 2.85 -8.77 19.50
CA GLU B 160 3.85 -8.17 18.63
C GLU B 160 4.74 -9.26 18.03
N PHE B 161 5.02 -9.15 16.73
CA PHE B 161 5.83 -10.15 16.04
C PHE B 161 7.23 -9.59 15.89
N SER B 162 7.34 -8.41 15.32
CA SER B 162 8.63 -7.71 15.31
C SER B 162 8.92 -7.16 16.69
N PRO B 163 10.19 -7.12 17.09
CA PRO B 163 10.52 -6.55 18.41
C PRO B 163 10.12 -5.08 18.48
N PRO B 164 9.73 -4.62 19.68
CA PRO B 164 9.37 -3.21 19.82
C PRO B 164 10.54 -2.33 19.48
N ASN B 165 10.23 -1.17 18.88
CA ASN B 165 11.22 -0.13 18.67
C ASN B 165 12.01 0.15 19.94
N ARG B 166 13.35 0.20 19.85
CA ARG B 166 14.21 0.27 21.05
C ARG B 166 13.97 1.53 21.90
N ARG B 167 13.82 2.68 21.23
CA ARG B 167 13.68 3.94 21.93
C ARG B 167 12.30 4.02 22.60
N GLU B 168 11.29 3.57 21.86
CA GLU B 168 9.91 3.57 22.34
C GLU B 168 9.78 2.72 23.60
N LEU B 169 10.41 1.55 23.55
CA LEU B 169 10.37 0.59 24.65
C LEU B 169 11.15 1.13 25.85
N GLU B 170 12.28 1.79 25.55
CA GLU B 170 13.07 2.40 26.61
C GLU B 170 12.19 3.38 27.41
N LEU B 171 11.45 4.23 26.71
CA LEU B 171 10.56 5.18 27.37
C LEU B 171 9.43 4.50 28.14
N ALA B 172 8.83 3.46 27.53
CA ALA B 172 7.70 2.80 28.16
C ALA B 172 8.09 2.10 29.45
N GLU B 173 9.28 1.49 29.46
CA GLU B 173 9.69 0.63 30.57
C GLU B 173 10.29 1.40 31.71
N GLN B 174 10.66 2.65 31.46
CA GLN B 174 11.30 3.48 32.47
C GLN B 174 10.46 4.72 32.77
N THR B 175 9.16 4.61 32.56
CA THR B 175 8.25 5.68 32.95
C THR B 175 7.21 5.07 33.91
N GLY B 176 6.86 5.82 34.95
CA GLY B 176 5.84 5.41 35.90
C GLY B 176 6.12 4.18 36.74
N LYS B 177 5.05 3.46 37.07
CA LYS B 177 5.13 2.26 37.92
C LYS B 177 4.61 0.99 37.20
N GLY B 178 5.21 -0.17 37.49
CA GLY B 178 4.77 -1.40 36.83
C GLY B 178 5.15 -2.72 37.47
N ALA B 179 4.49 -3.08 38.57
CA ALA B 179 4.71 -4.36 39.28
C ALA B 179 6.10 -4.45 39.93
#